data_6AZ6
#
_entry.id   6AZ6
#
_cell.length_a   109.548
_cell.length_b   105.172
_cell.length_c   45.858
_cell.angle_alpha   90.00
_cell.angle_beta   112.44
_cell.angle_gamma   90.00
#
_symmetry.space_group_name_H-M   'C 1 2 1'
#
loop_
_entity.id
_entity.type
_entity.pdbx_description
1 polymer 'GntR family transcriptional regulator'
2 water water
#
_entity_poly.entity_id   1
_entity_poly.type   'polypeptide(L)'
_entity_poly.pdbx_seq_one_letter_code
;(MSE)ARPLVEQTADRLLHLILEREYPVGAKLPNEYELAEDLDVGRSTIREAVRSLATRNILEVRQGSGTYISSKKGVSE
DPLGFSLIKDTDRLTSDLFELRLLLEPRIAELVAYRITDDQLQLLEKLVGDIEDAVHAGDPKHLLLDVEFHS(MSE)LAK
YSGNIA(MSE)DSLLPVINQSIHLINANYTNRQ(MSE)KSDSLEAHREIIKAIREKNPVAAHDA(MSE)L(MSE)HI
(MSE)SVRRSALKA
;
_entity_poly.pdbx_strand_id   A,B
#
# COMPACT_ATOMS: atom_id res chain seq x y z
N LEU A 5 -25.50 0.61 6.71
CA LEU A 5 -25.75 1.24 8.01
C LEU A 5 -24.57 1.05 8.95
N VAL A 6 -24.10 -0.20 9.06
CA VAL A 6 -22.91 -0.47 9.87
C VAL A 6 -21.71 0.28 9.33
N GLU A 7 -21.48 0.17 8.01
CA GLU A 7 -20.36 0.88 7.41
C GLU A 7 -20.53 2.39 7.53
N GLN A 8 -21.77 2.87 7.39
CA GLN A 8 -22.04 4.29 7.58
C GLN A 8 -21.73 4.73 9.00
N THR A 9 -22.22 3.97 10.00
CA THR A 9 -21.94 4.30 11.40
C THR A 9 -20.45 4.23 11.70
N ALA A 10 -19.76 3.23 11.12
CA ALA A 10 -18.31 3.17 11.27
C ALA A 10 -17.65 4.43 10.74
N ASP A 11 -18.11 4.92 9.59
CA ASP A 11 -17.58 6.17 9.03
C ASP A 11 -17.78 7.33 10.01
N ARG A 12 -19.00 7.50 10.52
CA ARG A 12 -19.27 8.56 11.48
C ARG A 12 -18.47 8.37 12.76
N LEU A 13 -18.35 7.12 13.22
CA LEU A 13 -17.49 6.83 14.36
C LEU A 13 -16.06 7.26 14.09
N LEU A 14 -15.52 6.90 12.91
CA LEU A 14 -14.20 7.39 12.54
C LEU A 14 -14.16 8.91 12.56
N HIS A 15 -15.18 9.55 11.98
CA HIS A 15 -15.22 11.01 11.96
C HIS A 15 -15.24 11.59 13.36
N LEU A 16 -16.04 10.99 14.26
CA LEU A 16 -16.06 11.42 15.66
C LEU A 16 -14.67 11.30 16.30
N ILE A 17 -13.96 10.20 16.02
CA ILE A 17 -12.65 9.98 16.62
C ILE A 17 -11.65 11.04 16.15
N LEU A 18 -11.71 11.42 14.87
CA LEU A 18 -10.77 12.42 14.35
C LEU A 18 -11.09 13.80 14.90
N GLU A 19 -12.38 14.16 14.96
CA GLU A 19 -12.79 15.45 15.53
C GLU A 19 -12.38 15.59 16.99
N ARG A 20 -12.46 14.50 17.76
CA ARG A 20 -12.08 14.65 19.17
C ARG A 20 -10.59 14.50 19.38
N GLU A 21 -9.85 14.12 18.35
CA GLU A 21 -8.38 14.10 18.39
C GLU A 21 -7.87 13.14 19.47
N TYR A 22 -8.55 12.01 19.62
CA TYR A 22 -8.09 10.95 20.51
C TYR A 22 -6.67 10.53 20.15
N PRO A 23 -5.71 10.63 21.05
CA PRO A 23 -4.35 10.17 20.75
C PRO A 23 -4.31 8.65 20.63
N VAL A 24 -3.21 8.16 20.07
CA VAL A 24 -2.94 6.73 20.05
C VAL A 24 -2.95 6.19 21.48
N GLY A 25 -3.63 5.07 21.69
CA GLY A 25 -3.70 4.47 23.02
C GLY A 25 -4.82 4.97 23.90
N ALA A 26 -5.55 5.99 23.47
CA ALA A 26 -6.66 6.50 24.25
C ALA A 26 -7.83 5.52 24.25
N LYS A 27 -8.49 5.42 25.40
CA LYS A 27 -9.69 4.61 25.53
C LYS A 27 -10.92 5.36 25.05
N LEU A 28 -11.71 4.72 24.19
CA LEU A 28 -12.95 5.32 23.74
C LEU A 28 -13.98 5.34 24.86
N PRO A 29 -14.93 6.28 24.82
CA PRO A 29 -16.11 6.17 25.70
C PRO A 29 -16.80 4.84 25.46
N ASN A 30 -17.52 4.37 26.47
CA ASN A 30 -18.21 3.11 26.31
C ASN A 30 -19.25 3.21 25.21
N GLU A 31 -19.71 2.05 24.74
CA GLU A 31 -20.59 1.98 23.59
C GLU A 31 -21.97 2.56 23.87
N TYR A 32 -22.41 2.60 25.13
CA TYR A 32 -23.65 3.30 25.42
C TYR A 32 -23.52 4.78 25.08
N GLU A 33 -22.38 5.38 25.45
CA GLU A 33 -22.16 6.79 25.17
C GLU A 33 -21.99 7.05 23.68
N LEU A 34 -21.22 6.20 22.98
CA LEU A 34 -21.06 6.37 21.55
C LEU A 34 -22.41 6.24 20.83
N ALA A 35 -23.21 5.22 21.19
CA ALA A 35 -24.49 5.02 20.52
C ALA A 35 -25.39 6.22 20.70
N GLU A 36 -25.31 6.88 21.85
CA GLU A 36 -26.13 8.06 22.10
C GLU A 36 -25.60 9.27 21.33
N ASP A 37 -24.28 9.48 21.34
CA ASP A 37 -23.71 10.62 20.62
C ASP A 37 -23.92 10.51 19.11
N LEU A 38 -24.08 9.30 18.60
CA LEU A 38 -24.34 9.11 17.17
C LEU A 38 -25.81 8.81 16.88
N ASP A 39 -26.66 8.73 17.90
CA ASP A 39 -28.08 8.43 17.72
C ASP A 39 -28.28 7.16 16.90
N VAL A 40 -27.64 6.07 17.34
CA VAL A 40 -27.80 4.77 16.73
C VAL A 40 -28.04 3.73 17.82
N GLY A 41 -28.40 2.53 17.41
CA GLY A 41 -28.62 1.46 18.37
C GLY A 41 -27.31 0.93 18.93
N ARG A 42 -27.42 0.24 20.07
CA ARG A 42 -26.24 -0.33 20.70
C ARG A 42 -25.66 -1.45 19.84
N SER A 43 -26.53 -2.28 19.24
CA SER A 43 -26.04 -3.29 18.33
C SER A 43 -25.31 -2.67 17.14
N THR A 44 -25.83 -1.55 16.62
CA THR A 44 -25.20 -0.90 15.48
C THR A 44 -23.79 -0.41 15.84
N ILE A 45 -23.64 0.22 17.00
CA ILE A 45 -22.34 0.73 17.40
C ILE A 45 -21.37 -0.42 17.66
N ARG A 46 -21.87 -1.54 18.20
CA ARG A 46 -21.01 -2.69 18.44
C ARG A 46 -20.41 -3.19 17.14
N GLU A 47 -21.22 -3.24 16.08
CA GLU A 47 -20.72 -3.72 14.80
C GLU A 47 -19.82 -2.70 14.13
N ALA A 48 -20.09 -1.41 14.33
CA ALA A 48 -19.26 -0.37 13.74
C ALA A 48 -17.88 -0.36 14.37
N VAL A 49 -17.81 -0.52 15.69
CA VAL A 49 -16.51 -0.63 16.37
C VAL A 49 -15.74 -1.82 15.84
N ARG A 50 -16.41 -2.95 15.66
CA ARG A 50 -15.73 -4.13 15.15
C ARG A 50 -15.25 -3.93 13.71
N SER A 51 -16.01 -3.17 12.91
CA SER A 51 -15.52 -2.83 11.57
C SER A 51 -14.24 -1.99 11.63
N LEU A 52 -14.17 -1.00 12.53
CA LEU A 52 -12.95 -0.19 12.63
C LEU A 52 -11.79 -0.98 13.22
N ALA A 53 -12.07 -1.96 14.07
CA ALA A 53 -11.00 -2.84 14.58
C ALA A 53 -10.45 -3.72 13.47
N THR A 54 -11.32 -4.24 12.60
CA THR A 54 -10.87 -5.02 11.46
C THR A 54 -9.97 -4.20 10.53
N ARG A 55 -10.18 -2.89 10.45
N ARG A 55 -10.18 -2.89 10.45
CA ARG A 55 -9.34 -2.01 9.67
CA ARG A 55 -9.33 -2.01 9.68
C ARG A 55 -8.10 -1.52 10.44
C ARG A 55 -8.11 -1.51 10.45
N ASN A 56 -7.88 -2.01 11.67
CA ASN A 56 -6.72 -1.66 12.49
C ASN A 56 -6.69 -0.19 12.92
N ILE A 57 -7.85 0.44 12.96
CA ILE A 57 -7.99 1.78 13.52
C ILE A 57 -8.17 1.72 15.03
N LEU A 58 -8.94 0.74 15.50
CA LEU A 58 -9.21 0.50 16.91
C LEU A 58 -8.67 -0.85 17.33
N GLU A 59 -8.46 -1.00 18.63
CA GLU A 59 -8.02 -2.24 19.27
C GLU A 59 -9.04 -2.58 20.34
N VAL A 60 -9.78 -3.66 20.14
CA VAL A 60 -10.75 -4.14 21.13
C VAL A 60 -9.99 -5.00 22.13
N ARG A 61 -9.80 -4.49 23.34
CA ARG A 61 -9.02 -5.18 24.37
C ARG A 61 -10.00 -5.88 25.31
N GLN A 62 -10.15 -7.20 25.17
CA GLN A 62 -11.11 -7.93 25.99
C GLN A 62 -10.80 -7.78 27.47
N GLY A 63 -11.82 -7.40 28.26
CA GLY A 63 -11.65 -7.15 29.68
C GLY A 63 -11.22 -5.73 30.03
N SER A 64 -11.00 -4.85 29.04
CA SER A 64 -10.55 -3.50 29.38
C SER A 64 -11.41 -2.43 28.73
N GLY A 65 -11.49 -2.44 27.42
CA GLY A 65 -12.02 -1.30 26.69
C GLY A 65 -11.56 -1.39 25.25
N THR A 66 -11.92 -0.36 24.49
CA THR A 66 -11.56 -0.24 23.09
C THR A 66 -10.69 1.00 22.93
N TYR A 67 -9.54 0.85 22.27
CA TYR A 67 -8.50 1.88 22.29
C TYR A 67 -8.12 2.28 20.87
N ILE A 68 -7.60 3.51 20.74
CA ILE A 68 -7.04 3.98 19.48
C ILE A 68 -5.80 3.16 19.18
N SER A 69 -5.80 2.44 18.05
CA SER A 69 -4.69 1.53 17.78
C SER A 69 -3.43 2.27 17.34
N SER A 70 -2.28 1.77 17.82
CA SER A 70 -1.01 2.28 17.31
C SER A 70 -0.77 1.92 15.85
N LYS A 71 -1.55 1.01 15.28
CA LYS A 71 -1.40 0.67 13.87
C LYS A 71 -1.92 1.76 12.95
N LYS A 72 -2.76 2.66 13.45
CA LYS A 72 -3.31 3.77 12.67
C LYS A 72 -3.84 3.29 11.32
N GLY A 73 -4.61 2.20 11.35
CA GLY A 73 -5.30 1.75 10.14
C GLY A 73 -4.48 0.94 9.17
N VAL A 74 -3.25 0.55 9.52
CA VAL A 74 -2.37 -0.17 8.58
C VAL A 74 -1.97 -1.52 9.18
N SER A 75 -2.24 -2.60 8.45
CA SER A 75 -1.89 -3.95 8.91
C SER A 75 -0.42 -4.28 8.62
N GLU A 76 -0.03 -5.50 9.00
CA GLU A 76 1.35 -5.94 8.90
C GLU A 76 1.85 -5.98 7.47
N ASP A 77 1.05 -6.55 6.56
CA ASP A 77 1.41 -6.70 5.15
C ASP A 77 0.30 -6.00 4.37
N PRO A 78 0.28 -4.67 4.38
CA PRO A 78 -0.95 -3.94 4.05
C PRO A 78 -1.35 -4.06 2.60
N LEU A 79 -0.41 -4.31 1.69
CA LEU A 79 -0.68 -4.43 0.28
C LEU A 79 -0.80 -5.87 -0.17
N GLY A 80 -0.87 -6.82 0.76
CA GLY A 80 -1.10 -8.20 0.38
C GLY A 80 0.06 -8.90 -0.32
N PHE A 81 1.30 -8.45 -0.12
CA PHE A 81 2.41 -9.05 -0.84
C PHE A 81 2.73 -10.49 -0.39
N SER A 82 2.20 -10.93 0.76
N SER A 82 2.20 -10.93 0.76
CA SER A 82 2.46 -12.31 1.17
CA SER A 82 2.43 -12.31 1.19
C SER A 82 1.67 -13.33 0.35
C SER A 82 1.76 -13.31 0.26
N LEU A 83 0.75 -12.90 -0.50
CA LEU A 83 0.05 -13.79 -1.41
C LEU A 83 0.78 -13.98 -2.74
N ILE A 84 1.91 -13.33 -2.94
CA ILE A 84 2.62 -13.42 -4.21
C ILE A 84 3.60 -14.59 -4.13
N LYS A 85 3.37 -15.60 -4.95
CA LYS A 85 4.24 -16.79 -4.91
C LYS A 85 5.62 -16.50 -5.50
N ASP A 86 5.68 -15.76 -6.61
CA ASP A 86 6.92 -15.49 -7.35
C ASP A 86 7.65 -14.32 -6.69
N THR A 87 8.38 -14.63 -5.60
CA THR A 87 9.04 -13.58 -4.84
C THR A 87 10.25 -12.98 -5.56
N ASP A 88 10.88 -13.70 -6.50
CA ASP A 88 11.94 -13.07 -7.30
C ASP A 88 11.37 -11.98 -8.20
N ARG A 89 10.23 -12.25 -8.82
CA ARG A 89 9.58 -11.24 -9.64
C ARG A 89 9.12 -10.06 -8.79
N LEU A 90 8.52 -10.32 -7.62
CA LEU A 90 8.06 -9.25 -6.74
C LEU A 90 9.23 -8.39 -6.29
N THR A 91 10.36 -9.01 -5.99
CA THR A 91 11.52 -8.22 -5.57
C THR A 91 11.96 -7.27 -6.67
N SER A 92 12.06 -7.77 -7.90
CA SER A 92 12.41 -6.94 -9.04
C SER A 92 11.38 -5.83 -9.25
N ASP A 93 10.09 -6.16 -9.16
CA ASP A 93 9.06 -5.15 -9.31
C ASP A 93 9.16 -4.07 -8.23
N LEU A 94 9.43 -4.47 -6.98
CA LEU A 94 9.55 -3.49 -5.90
C LEU A 94 10.78 -2.60 -6.09
N PHE A 95 11.89 -3.15 -6.59
CA PHE A 95 13.04 -2.30 -6.90
C PHE A 95 12.73 -1.32 -8.02
N GLU A 96 11.90 -1.71 -8.98
CA GLU A 96 11.47 -0.76 -9.99
C GLU A 96 10.75 0.42 -9.33
N LEU A 97 9.87 0.14 -8.36
CA LEU A 97 9.20 1.22 -7.63
C LEU A 97 10.19 2.08 -6.87
N ARG A 98 11.19 1.46 -6.22
CA ARG A 98 12.14 2.23 -5.45
C ARG A 98 12.93 3.15 -6.36
N LEU A 99 13.28 2.66 -7.56
CA LEU A 99 14.02 3.49 -8.53
C LEU A 99 13.20 4.69 -8.96
N LEU A 100 11.89 4.55 -9.03
CA LEU A 100 11.03 5.65 -9.45
C LEU A 100 10.72 6.64 -8.32
N LEU A 101 10.87 6.24 -7.07
CA LEU A 101 10.39 7.06 -5.95
C LEU A 101 11.51 7.63 -5.09
N GLU A 102 12.51 6.82 -4.77
CA GLU A 102 13.50 7.20 -3.76
C GLU A 102 14.40 8.35 -4.22
N PRO A 103 14.79 8.48 -5.50
CA PRO A 103 15.57 9.66 -5.87
C PRO A 103 14.83 10.98 -5.65
N ARG A 104 13.53 11.02 -5.94
CA ARG A 104 12.75 12.21 -5.60
C ARG A 104 12.70 12.44 -4.09
N ILE A 105 12.54 11.35 -3.32
CA ILE A 105 12.60 11.46 -1.85
C ILE A 105 13.88 12.15 -1.41
N ALA A 106 15.04 11.64 -1.87
CA ALA A 106 16.33 12.24 -1.52
C ALA A 106 16.42 13.70 -1.95
N GLU A 107 15.86 14.02 -3.11
CA GLU A 107 15.84 15.39 -3.59
C GLU A 107 15.00 16.28 -2.67
N LEU A 108 13.85 15.77 -2.23
CA LEU A 108 12.99 16.53 -1.33
C LEU A 108 13.64 16.71 0.05
N VAL A 109 14.32 15.67 0.54
CA VAL A 109 14.99 15.78 1.83
C VAL A 109 16.07 16.84 1.78
N ALA A 110 16.88 16.84 0.71
CA ALA A 110 17.90 17.88 0.57
C ALA A 110 17.29 19.26 0.65
N TYR A 111 16.10 19.43 0.06
CA TYR A 111 15.39 20.69 -0.04
C TYR A 111 14.74 21.12 1.28
N ARG A 112 14.27 20.19 2.11
CA ARG A 112 13.53 20.68 3.27
C ARG A 112 14.05 20.25 4.63
N ILE A 113 15.08 19.41 4.71
CA ILE A 113 15.45 18.89 6.02
C ILE A 113 16.05 20.00 6.89
N THR A 114 15.77 19.94 8.19
CA THR A 114 16.35 20.91 9.12
C THR A 114 17.55 20.30 9.83
N ASP A 115 18.30 21.17 10.51
CA ASP A 115 19.55 20.76 11.15
C ASP A 115 19.36 19.66 12.17
N ASP A 116 18.27 19.71 12.96
CA ASP A 116 18.06 18.68 13.96
C ASP A 116 17.67 17.34 13.32
N GLN A 117 16.86 17.40 12.26
CA GLN A 117 16.54 16.17 11.53
C GLN A 117 17.79 15.57 10.89
N LEU A 118 18.61 16.42 10.26
CA LEU A 118 19.86 15.92 9.67
C LEU A 118 20.75 15.27 10.71
N GLN A 119 20.85 15.85 11.90
CA GLN A 119 21.62 15.23 12.97
C GLN A 119 21.16 13.81 13.23
N LEU A 120 19.84 13.59 13.27
CA LEU A 120 19.34 12.24 13.52
C LEU A 120 19.64 11.31 12.36
N LEU A 121 19.58 11.81 11.12
CA LEU A 121 19.95 10.99 9.97
C LEU A 121 21.40 10.54 10.05
N GLU A 122 22.29 11.46 10.40
CA GLU A 122 23.70 11.14 10.46
C GLU A 122 24.01 10.14 11.57
N LYS A 123 23.29 10.20 12.70
CA LYS A 123 23.50 9.19 13.73
C LYS A 123 23.09 7.81 13.22
N LEU A 124 21.94 7.74 12.55
CA LEU A 124 21.51 6.47 11.99
C LEU A 124 22.52 5.96 10.97
N VAL A 125 23.06 6.85 10.15
CA VAL A 125 24.06 6.43 9.18
C VAL A 125 25.29 5.85 9.88
N GLY A 126 25.75 6.50 10.95
CA GLY A 126 26.86 5.97 11.72
C GLY A 126 26.52 4.65 12.39
N ASP A 127 25.30 4.53 12.92
CA ASP A 127 24.87 3.25 13.51
C ASP A 127 24.92 2.13 12.49
N ILE A 128 24.54 2.43 11.25
CA ILE A 128 24.62 1.43 10.20
C ILE A 128 26.06 1.02 9.96
N GLU A 129 26.95 2.02 9.86
CA GLU A 129 28.38 1.73 9.71
C GLU A 129 28.88 0.86 10.86
N ASP A 130 28.57 1.24 12.10
CA ASP A 130 28.97 0.45 13.27
C ASP A 130 28.46 -0.99 13.17
N ALA A 131 27.19 -1.17 12.86
CA ALA A 131 26.66 -2.53 12.80
C ALA A 131 27.26 -3.30 11.65
N VAL A 132 27.46 -2.65 10.50
CA VAL A 132 28.05 -3.33 9.34
C VAL A 132 29.47 -3.79 9.69
N HIS A 133 30.26 -2.91 10.29
CA HIS A 133 31.65 -3.23 10.62
C HIS A 133 31.74 -4.35 11.65
N ALA A 134 30.75 -4.46 12.53
CA ALA A 134 30.72 -5.51 13.54
C ALA A 134 30.14 -6.82 13.02
N GLY A 135 29.77 -6.89 11.73
CA GLY A 135 29.06 -8.04 11.25
C GLY A 135 27.77 -8.31 11.99
N ASP A 136 27.14 -7.26 12.55
CA ASP A 136 25.90 -7.34 13.31
C ASP A 136 24.71 -7.35 12.38
N PRO A 137 23.98 -8.47 12.28
CA PRO A 137 22.91 -8.56 11.26
C PRO A 137 21.80 -7.54 11.39
N LYS A 138 21.68 -6.85 12.53
CA LYS A 138 20.68 -5.79 12.67
C LYS A 138 20.90 -4.63 11.69
N HIS A 139 22.06 -4.56 11.02
CA HIS A 139 22.27 -3.49 10.06
C HIS A 139 21.22 -3.54 8.95
N LEU A 140 20.72 -4.73 8.62
CA LEU A 140 19.72 -4.84 7.57
C LEU A 140 18.45 -4.10 7.94
N LEU A 141 18.02 -4.22 9.20
CA LEU A 141 16.88 -3.47 9.68
C LEU A 141 17.19 -2.00 9.84
N LEU A 142 18.43 -1.63 10.22
CA LEU A 142 18.74 -0.20 10.29
C LEU A 142 18.70 0.43 8.91
N ASP A 143 19.11 -0.33 7.89
CA ASP A 143 19.04 0.16 6.51
C ASP A 143 17.60 0.51 6.13
N VAL A 144 16.66 -0.37 6.46
CA VAL A 144 15.25 -0.08 6.20
C VAL A 144 14.83 1.20 6.91
N GLU A 145 15.26 1.37 8.16
CA GLU A 145 14.86 2.55 8.92
C GLU A 145 15.44 3.83 8.34
N PHE A 146 16.65 3.77 7.79
CA PHE A 146 17.23 4.93 7.13
C PHE A 146 16.36 5.42 5.97
N HIS A 147 15.98 4.50 5.08
CA HIS A 147 15.10 4.89 3.98
C HIS A 147 13.74 5.34 4.46
N SER A 148 13.20 4.75 5.53
CA SER A 148 11.92 5.21 6.04
C SER A 148 12.04 6.61 6.62
N LEU A 150 14.16 8.89 5.57
CA LEU A 150 14.21 9.79 4.42
C LEU A 150 12.81 10.06 3.89
N ALA A 151 11.99 9.02 3.81
CA ALA A 151 10.62 9.20 3.36
C ALA A 151 9.85 10.13 4.29
N LYS A 152 10.00 9.96 5.60
CA LYS A 152 9.38 10.90 6.53
C LYS A 152 9.84 12.33 6.25
N TYR A 153 11.16 12.56 6.18
CA TYR A 153 11.66 13.92 6.02
C TYR A 153 11.43 14.49 4.64
N SER A 154 11.00 13.69 3.66
CA SER A 154 10.67 14.27 2.36
C SER A 154 9.47 15.19 2.46
N GLY A 155 8.67 15.02 3.50
CA GLY A 155 7.45 15.80 3.63
C GLY A 155 6.31 15.36 2.74
N ASN A 156 6.50 14.31 1.94
CA ASN A 156 5.40 13.72 1.18
C ASN A 156 4.72 12.69 2.09
N ILE A 157 3.50 12.99 2.52
CA ILE A 157 2.81 12.12 3.48
C ILE A 157 2.62 10.72 2.89
N ALA A 158 2.29 10.63 1.60
CA ALA A 158 2.03 9.33 1.01
C ALA A 158 3.30 8.51 0.91
N ASP A 160 5.81 8.76 2.99
CA ASP A 160 6.05 8.33 4.35
C ASP A 160 5.27 7.06 4.67
N SER A 161 4.03 6.95 4.19
CA SER A 161 3.25 5.74 4.42
C SER A 161 3.75 4.58 3.56
N LEU A 162 4.13 4.84 2.32
CA LEU A 162 4.33 3.78 1.33
C LEU A 162 5.72 3.15 1.37
N LEU A 163 6.77 3.97 1.41
N LEU A 163 6.77 3.96 1.43
CA LEU A 163 8.13 3.43 1.30
CA LEU A 163 8.12 3.42 1.30
C LEU A 163 8.46 2.39 2.36
C LEU A 163 8.47 2.40 2.37
N PRO A 164 8.04 2.53 3.64
CA PRO A 164 8.26 1.43 4.59
C PRO A 164 7.63 0.12 4.14
N VAL A 165 6.44 0.18 3.54
CA VAL A 165 5.78 -1.03 3.07
C VAL A 165 6.58 -1.70 1.97
N ILE A 166 7.12 -0.89 1.05
CA ILE A 166 7.89 -1.45 -0.06
C ILE A 166 9.18 -2.07 0.46
N ASN A 167 9.94 -1.29 1.22
CA ASN A 167 11.25 -1.76 1.68
C ASN A 167 11.12 -2.89 2.70
N GLN A 168 10.06 -2.89 3.51
CA GLN A 168 9.90 -4.00 4.42
C GLN A 168 9.60 -5.31 3.67
N SER A 169 8.84 -5.23 2.59
CA SER A 169 8.57 -6.44 1.82
C SER A 169 9.84 -7.00 1.20
N ILE A 170 10.67 -6.13 0.63
CA ILE A 170 11.94 -6.58 0.07
C ILE A 170 12.78 -7.25 1.14
N HIS A 171 12.85 -6.64 2.33
CA HIS A 171 13.64 -7.18 3.41
C HIS A 171 13.15 -8.57 3.83
N LEU A 172 11.83 -8.72 3.95
CA LEU A 172 11.26 -10.00 4.39
C LEU A 172 11.46 -11.09 3.34
N ILE A 173 11.34 -10.75 2.06
CA ILE A 173 11.59 -11.73 1.00
C ILE A 173 13.05 -12.16 1.00
N ASN A 174 13.97 -11.19 0.99
CA ASN A 174 15.39 -11.47 0.81
C ASN A 174 16.01 -12.06 2.09
N LYS A 183 28.48 -4.42 0.82
CA LYS A 183 28.32 -3.70 2.09
C LYS A 183 29.24 -2.50 2.13
N SER A 184 30.45 -2.62 1.58
CA SER A 184 31.33 -1.46 1.49
C SER A 184 30.73 -0.38 0.60
N ASP A 185 30.12 -0.77 -0.52
CA ASP A 185 29.54 0.18 -1.46
C ASP A 185 28.32 0.89 -0.88
N SER A 186 27.53 0.20 -0.06
CA SER A 186 26.37 0.84 0.55
C SER A 186 26.79 1.90 1.56
N LEU A 187 27.82 1.60 2.35
CA LEU A 187 28.30 2.58 3.32
C LEU A 187 28.76 3.83 2.62
N GLU A 188 29.53 3.67 1.53
CA GLU A 188 29.98 4.82 0.76
C GLU A 188 28.81 5.58 0.14
N ALA A 189 27.83 4.85 -0.39
CA ALA A 189 26.65 5.49 -0.94
C ALA A 189 25.91 6.32 0.11
N HIS A 190 25.74 5.77 1.33
CA HIS A 190 25.07 6.54 2.38
C HIS A 190 25.82 7.84 2.67
N ARG A 191 27.16 7.77 2.71
CA ARG A 191 27.94 8.99 2.95
C ARG A 191 27.72 10.01 1.84
N GLU A 192 27.63 9.56 0.59
CA GLU A 192 27.42 10.49 -0.52
C GLU A 192 26.03 11.11 -0.48
N ILE A 193 25.02 10.34 -0.07
CA ILE A 193 23.67 10.86 0.04
C ILE A 193 23.59 11.92 1.14
N ILE A 194 24.17 11.61 2.31
CA ILE A 194 24.20 12.57 3.42
C ILE A 194 24.95 13.83 3.02
N LYS A 195 26.10 13.68 2.37
CA LYS A 195 26.87 14.84 1.92
C LYS A 195 26.04 15.75 1.03
N ALA A 196 25.35 15.18 0.04
CA ALA A 196 24.50 16.00 -0.82
C ALA A 196 23.40 16.71 -0.04
N ILE A 197 22.79 16.01 0.92
CA ILE A 197 21.73 16.62 1.73
C ILE A 197 22.31 17.69 2.65
N ARG A 198 23.46 17.40 3.28
N ARG A 198 23.47 17.40 3.27
CA ARG A 198 24.10 18.37 4.15
CA ARG A 198 24.13 18.35 4.15
C ARG A 198 24.41 19.66 3.41
C ARG A 198 24.45 19.65 3.42
N GLU A 199 24.84 19.55 2.15
CA GLU A 199 25.13 20.71 1.32
C GLU A 199 23.90 21.24 0.60
N LYS A 200 22.71 20.76 0.98
CA LYS A 200 21.43 21.23 0.42
C LYS A 200 21.48 21.24 -1.12
N ASN A 201 21.96 20.15 -1.69
CA ASN A 201 22.11 20.00 -3.14
C ASN A 201 21.12 18.97 -3.67
N PRO A 202 19.92 19.37 -4.09
CA PRO A 202 18.89 18.37 -4.44
C PRO A 202 19.24 17.51 -5.64
N VAL A 203 19.82 18.07 -6.70
CA VAL A 203 20.19 17.27 -7.85
C VAL A 203 21.24 16.23 -7.48
N ALA A 204 22.23 16.62 -6.68
CA ALA A 204 23.25 15.63 -6.27
C ALA A 204 22.64 14.56 -5.40
N ALA A 205 21.70 14.92 -4.53
CA ALA A 205 21.07 13.90 -3.68
C ALA A 205 20.29 12.92 -4.54
N HIS A 206 19.50 13.45 -5.47
CA HIS A 206 18.75 12.65 -6.42
C HIS A 206 19.64 11.60 -7.09
N ASP A 207 20.76 12.06 -7.70
CA ASP A 207 21.67 11.19 -8.44
C ASP A 207 22.36 10.17 -7.54
N ALA A 208 22.79 10.59 -6.34
CA ALA A 208 23.44 9.64 -5.42
C ALA A 208 22.49 8.53 -5.01
N LEU A 210 19.80 7.60 -6.75
CA LEU A 210 19.50 6.81 -7.92
C LEU A 210 20.59 5.77 -8.17
N HIS A 212 22.64 4.51 -5.96
CA HIS A 212 22.59 3.51 -4.90
C HIS A 212 21.53 2.45 -5.19
N ILE A 213 20.31 2.86 -5.54
CA ILE A 213 19.25 1.86 -5.74
C ILE A 213 19.62 0.93 -6.88
N SER A 215 22.58 0.14 -7.90
CA SER A 215 23.61 -0.79 -7.43
C SER A 215 23.01 -1.88 -6.53
N VAL A 216 22.17 -1.49 -5.57
CA VAL A 216 21.57 -2.49 -4.69
C VAL A 216 20.71 -3.46 -5.49
N ARG A 217 19.91 -2.94 -6.43
CA ARG A 217 19.09 -3.83 -7.26
C ARG A 217 19.95 -4.85 -7.99
N ARG A 218 21.04 -4.39 -8.62
CA ARG A 218 21.92 -5.28 -9.36
C ARG A 218 22.50 -6.37 -8.47
N SER A 219 22.71 -6.07 -7.19
CA SER A 219 23.15 -7.09 -6.24
C SER A 219 22.06 -8.12 -5.93
N ALA A 220 20.90 -8.06 -6.57
CA ALA A 220 19.84 -9.04 -6.37
C ALA A 220 19.17 -9.42 -7.70
N LEU B 5 3.00 -20.21 17.41
CA LEU B 5 2.49 -21.55 17.08
C LEU B 5 1.23 -21.45 16.24
N VAL B 6 0.24 -20.70 16.74
CA VAL B 6 -0.91 -20.35 15.92
C VAL B 6 -0.45 -19.54 14.71
N GLU B 7 0.47 -18.61 14.92
CA GLU B 7 0.98 -17.83 13.80
C GLU B 7 1.93 -18.64 12.93
N GLN B 8 2.61 -19.64 13.51
CA GLN B 8 3.40 -20.54 12.69
C GLN B 8 2.51 -21.40 11.80
N THR B 9 1.41 -21.92 12.36
CA THR B 9 0.50 -22.72 11.56
C THR B 9 -0.24 -21.86 10.53
N ALA B 10 -0.48 -20.60 10.85
CA ALA B 10 -1.08 -19.67 9.90
C ALA B 10 -0.15 -19.45 8.70
N ASP B 11 1.15 -19.34 8.96
CA ASP B 11 2.12 -19.25 7.88
C ASP B 11 2.13 -20.52 7.04
N ARG B 12 2.12 -21.70 7.68
CA ARG B 12 2.08 -22.96 6.94
C ARG B 12 0.78 -23.10 6.15
N LEU B 13 -0.34 -22.66 6.73
CA LEU B 13 -1.61 -22.71 6.00
C LEU B 13 -1.56 -21.81 4.77
N LEU B 14 -1.00 -20.61 4.91
CA LEU B 14 -0.84 -19.73 3.76
C LEU B 14 0.02 -20.40 2.68
N HIS B 15 1.13 -21.01 3.09
CA HIS B 15 1.99 -21.71 2.13
C HIS B 15 1.20 -22.78 1.38
N LEU B 16 0.42 -23.58 2.12
CA LEU B 16 -0.43 -24.60 1.51
C LEU B 16 -1.39 -24.00 0.50
N ILE B 17 -2.02 -22.88 0.85
CA ILE B 17 -2.94 -22.23 -0.09
C ILE B 17 -2.20 -21.79 -1.35
N LEU B 18 -1.00 -21.26 -1.20
CA LEU B 18 -0.22 -20.83 -2.36
C LEU B 18 0.27 -22.01 -3.19
N GLU B 19 0.77 -23.06 -2.53
CA GLU B 19 1.20 -24.26 -3.24
C GLU B 19 0.08 -24.83 -4.09
N ARG B 20 -1.11 -24.96 -3.51
CA ARG B 20 -2.22 -25.57 -4.22
C ARG B 20 -2.90 -24.61 -5.17
N GLU B 21 -2.50 -23.33 -5.13
CA GLU B 21 -2.95 -22.32 -6.09
C GLU B 21 -4.48 -22.19 -6.11
N TYR B 22 -5.07 -22.29 -4.93
CA TYR B 22 -6.50 -22.05 -4.78
C TYR B 22 -6.88 -20.68 -5.34
N PRO B 23 -7.80 -20.60 -6.30
CA PRO B 23 -8.23 -19.31 -6.82
C PRO B 23 -9.15 -18.57 -5.85
N VAL B 24 -9.29 -17.26 -6.09
CA VAL B 24 -10.30 -16.47 -5.38
C VAL B 24 -11.65 -17.15 -5.48
N GLY B 25 -12.38 -17.18 -4.38
CA GLY B 25 -13.68 -17.81 -4.36
C GLY B 25 -13.68 -19.30 -4.18
N ALA B 26 -12.51 -19.94 -4.16
CA ALA B 26 -12.44 -21.36 -3.87
C ALA B 26 -12.71 -21.64 -2.39
N LYS B 27 -13.38 -22.77 -2.14
CA LYS B 27 -13.63 -23.23 -0.78
C LYS B 27 -12.47 -24.08 -0.28
N LEU B 28 -11.95 -23.75 0.91
CA LEU B 28 -10.90 -24.56 1.51
C LEU B 28 -11.43 -25.93 1.91
N PRO B 29 -10.55 -26.94 1.95
CA PRO B 29 -10.92 -28.19 2.61
C PRO B 29 -11.34 -27.92 4.05
N ASN B 30 -12.14 -28.82 4.62
CA ASN B 30 -12.58 -28.60 5.99
C ASN B 30 -11.39 -28.63 6.95
N GLU B 31 -11.64 -28.19 8.19
CA GLU B 31 -10.56 -27.98 9.14
C GLU B 31 -10.00 -29.29 9.67
N TYR B 32 -10.79 -30.37 9.64
CA TYR B 32 -10.25 -31.69 9.97
C TYR B 32 -9.14 -32.06 8.99
N GLU B 33 -9.41 -31.91 7.69
CA GLU B 33 -8.43 -32.24 6.67
C GLU B 33 -7.24 -31.29 6.70
N LEU B 34 -7.49 -30.00 6.92
CA LEU B 34 -6.39 -29.04 7.06
C LEU B 34 -5.46 -29.43 8.21
N ALA B 35 -6.04 -29.73 9.37
CA ALA B 35 -5.21 -30.09 10.52
C ALA B 35 -4.48 -31.41 10.28
N GLU B 36 -5.09 -32.32 9.53
CA GLU B 36 -4.44 -33.57 9.21
C GLU B 36 -3.26 -33.34 8.27
N ASP B 37 -3.46 -32.54 7.22
CA ASP B 37 -2.36 -32.28 6.29
C ASP B 37 -1.24 -31.49 6.93
N LEU B 38 -1.53 -30.69 7.96
CA LEU B 38 -0.51 -29.89 8.63
C LEU B 38 -0.03 -30.53 9.92
N ASP B 39 -0.58 -31.69 10.30
CA ASP B 39 -0.13 -32.44 11.48
C ASP B 39 -0.30 -31.62 12.77
N VAL B 40 -1.46 -30.99 12.92
CA VAL B 40 -1.69 -30.03 13.99
C VAL B 40 -3.06 -30.29 14.60
N GLY B 41 -3.28 -29.70 15.79
CA GLY B 41 -4.54 -29.91 16.48
C GLY B 41 -5.70 -29.16 15.85
N ARG B 42 -6.91 -29.60 16.17
CA ARG B 42 -8.12 -28.97 15.65
C ARG B 42 -8.26 -27.52 16.14
N SER B 43 -7.89 -27.26 17.39
CA SER B 43 -8.00 -25.91 17.92
C SER B 43 -6.98 -24.96 17.29
N THR B 44 -5.80 -25.49 16.96
CA THR B 44 -4.76 -24.67 16.33
C THR B 44 -5.17 -24.26 14.92
N ILE B 45 -5.72 -25.17 14.13
CA ILE B 45 -6.10 -24.78 12.77
C ILE B 45 -7.26 -23.79 12.81
N ARG B 46 -8.17 -23.93 13.78
CA ARG B 46 -9.28 -23.00 13.89
C ARG B 46 -8.77 -21.58 14.08
N GLU B 47 -7.76 -21.41 14.95
CA GLU B 47 -7.21 -20.08 15.18
C GLU B 47 -6.33 -19.62 14.03
N ALA B 48 -5.66 -20.55 13.34
CA ALA B 48 -4.84 -20.17 12.19
C ALA B 48 -5.71 -19.60 11.08
N VAL B 49 -6.86 -20.23 10.82
CA VAL B 49 -7.80 -19.72 9.84
C VAL B 49 -8.30 -18.33 10.25
N ARG B 50 -8.62 -18.15 11.53
CA ARG B 50 -9.07 -16.84 11.99
C ARG B 50 -7.96 -15.80 11.79
N SER B 51 -6.72 -16.18 12.04
CA SER B 51 -5.59 -15.28 11.81
C SER B 51 -5.52 -14.86 10.34
N LEU B 52 -5.70 -15.81 9.41
CA LEU B 52 -5.65 -15.46 8.00
C LEU B 52 -6.89 -14.66 7.59
N ALA B 53 -8.03 -14.92 8.23
CA ALA B 53 -9.21 -14.10 7.95
C ALA B 53 -9.01 -12.66 8.41
N THR B 54 -8.43 -12.47 9.60
CA THR B 54 -8.06 -11.13 10.05
C THR B 54 -7.17 -10.43 9.05
N ARG B 55 -6.31 -11.16 8.35
CA ARG B 55 -5.41 -10.56 7.36
C ARG B 55 -6.08 -10.36 6.00
N ASN B 56 -7.40 -10.56 5.89
CA ASN B 56 -8.17 -10.39 4.66
C ASN B 56 -7.78 -11.38 3.57
N ILE B 57 -7.16 -12.50 3.94
CA ILE B 57 -6.78 -13.54 2.99
C ILE B 57 -7.91 -14.54 2.80
N LEU B 58 -8.62 -14.87 3.89
CA LEU B 58 -9.73 -15.83 3.88
C LEU B 58 -11.02 -15.15 4.30
N GLU B 59 -12.14 -15.70 3.80
CA GLU B 59 -13.47 -15.29 4.21
C GLU B 59 -14.15 -16.47 4.92
N VAL B 60 -14.49 -16.29 6.20
CA VAL B 60 -15.23 -17.29 6.98
C VAL B 60 -16.71 -16.98 6.81
N ARG B 61 -17.42 -17.79 6.03
CA ARG B 61 -18.86 -17.64 5.79
C ARG B 61 -19.62 -18.55 6.73
N GLN B 62 -20.18 -18.00 7.80
CA GLN B 62 -20.93 -18.80 8.75
C GLN B 62 -22.05 -19.56 8.04
N GLY B 63 -22.13 -20.86 8.31
CA GLY B 63 -23.08 -21.71 7.64
C GLY B 63 -22.61 -22.33 6.34
N SER B 64 -21.43 -21.99 5.82
CA SER B 64 -21.09 -22.48 4.48
C SER B 64 -19.71 -23.10 4.31
N GLY B 65 -18.69 -22.34 4.64
CA GLY B 65 -17.32 -22.79 4.44
C GLY B 65 -16.39 -21.60 4.59
N THR B 66 -15.11 -21.88 4.41
CA THR B 66 -14.11 -20.82 4.42
C THR B 66 -13.53 -20.72 3.03
N TYR B 67 -13.39 -19.50 2.53
CA TYR B 67 -13.15 -19.25 1.11
C TYR B 67 -11.96 -18.33 0.94
N ILE B 68 -11.29 -18.45 -0.23
CA ILE B 68 -10.23 -17.51 -0.62
C ILE B 68 -10.90 -16.16 -0.88
N SER B 69 -10.52 -15.15 -0.11
CA SER B 69 -11.21 -13.87 -0.17
C SER B 69 -10.80 -13.07 -1.41
N SER B 70 -11.77 -12.35 -2.01
CA SER B 70 -11.44 -11.47 -3.12
C SER B 70 -10.63 -10.26 -2.68
N LYS B 71 -10.52 -10.01 -1.37
CA LYS B 71 -9.69 -8.90 -0.90
C LYS B 71 -8.21 -9.17 -1.13
N LYS B 72 -7.82 -10.44 -1.24
CA LYS B 72 -6.45 -10.80 -1.56
C LYS B 72 -5.46 -10.18 -0.57
N GLY B 73 -5.81 -10.21 0.71
CA GLY B 73 -4.91 -9.72 1.75
C GLY B 73 -4.88 -8.21 1.95
N VAL B 74 -5.77 -7.46 1.30
CA VAL B 74 -5.72 -5.99 1.30
C VAL B 74 -7.04 -5.45 1.83
N SER B 75 -6.96 -4.64 2.86
CA SER B 75 -8.20 -4.14 3.44
C SER B 75 -8.68 -2.89 2.69
N GLU B 76 -9.86 -2.42 3.10
CA GLU B 76 -10.27 -1.09 2.72
C GLU B 76 -9.30 -0.08 3.31
N ASP B 77 -8.89 0.91 2.50
CA ASP B 77 -7.96 1.94 2.92
C ASP B 77 -6.71 1.33 3.55
N PRO B 78 -5.98 0.50 2.82
CA PRO B 78 -4.92 -0.31 3.44
C PRO B 78 -3.74 0.50 3.97
N LEU B 79 -3.58 1.76 3.56
CA LEU B 79 -2.50 2.60 4.06
C LEU B 79 -2.99 3.64 5.05
N GLY B 80 -4.22 3.51 5.52
CA GLY B 80 -4.66 4.35 6.63
C GLY B 80 -4.81 5.80 6.26
N PHE B 81 -4.95 6.10 4.97
CA PHE B 81 -5.09 7.49 4.54
C PHE B 81 -6.35 8.15 5.08
N SER B 82 -7.33 7.36 5.55
CA SER B 82 -8.53 7.96 6.13
C SER B 82 -8.25 8.66 7.45
N LEU B 83 -7.14 8.37 8.09
CA LEU B 83 -6.80 9.04 9.34
C LEU B 83 -6.06 10.36 9.12
N ILE B 84 -5.75 10.72 7.88
CA ILE B 84 -5.00 11.94 7.57
C ILE B 84 -5.96 13.11 7.50
N LYS B 85 -5.78 14.11 8.38
CA LYS B 85 -6.74 15.22 8.40
C LYS B 85 -6.50 16.22 7.26
N ASP B 86 -5.25 16.46 6.88
CA ASP B 86 -4.93 17.44 5.83
C ASP B 86 -5.12 16.79 4.45
N THR B 87 -6.37 16.73 4.01
CA THR B 87 -6.69 16.04 2.76
C THR B 87 -6.20 16.80 1.53
N ASP B 88 -6.14 18.14 1.61
CA ASP B 88 -5.58 18.89 0.47
C ASP B 88 -4.12 18.55 0.26
N ARG B 89 -3.34 18.45 1.34
CA ARG B 89 -1.93 18.11 1.23
C ARG B 89 -1.76 16.66 0.79
N LEU B 90 -2.56 15.74 1.35
CA LEU B 90 -2.48 14.35 0.94
C LEU B 90 -2.81 14.20 -0.53
N THR B 91 -3.80 14.96 -1.04
CA THR B 91 -4.12 14.90 -2.45
C THR B 91 -2.93 15.31 -3.30
N SER B 92 -2.27 16.41 -2.93
CA SER B 92 -1.12 16.87 -3.70
C SER B 92 0.01 15.87 -3.62
N ASP B 93 0.20 15.25 -2.45
CA ASP B 93 1.23 14.24 -2.29
C ASP B 93 0.95 12.99 -3.12
N LEU B 94 -0.32 12.59 -3.23
CA LEU B 94 -0.67 11.41 -4.03
C LEU B 94 -0.49 11.68 -5.52
N PHE B 95 -0.82 12.89 -5.99
CA PHE B 95 -0.50 13.25 -7.37
C PHE B 95 0.99 13.25 -7.64
N GLU B 96 1.82 13.59 -6.66
CA GLU B 96 3.26 13.51 -6.90
C GLU B 96 3.68 12.07 -7.11
N LEU B 97 3.07 11.13 -6.36
CA LEU B 97 3.31 9.71 -6.61
C LEU B 97 2.81 9.28 -7.97
N ARG B 98 1.64 9.76 -8.40
CA ARG B 98 1.14 9.37 -9.71
C ARG B 98 2.05 9.86 -10.83
N LEU B 99 2.55 11.09 -10.69
CA LEU B 99 3.47 11.63 -11.70
C LEU B 99 4.73 10.79 -11.81
N LEU B 100 5.15 10.20 -10.71
CA LEU B 100 6.39 9.43 -10.68
C LEU B 100 6.19 8.00 -11.15
N LEU B 101 4.97 7.50 -11.13
CA LEU B 101 4.69 6.10 -11.41
C LEU B 101 3.92 5.88 -12.70
N GLU B 102 2.90 6.69 -12.98
CA GLU B 102 2.00 6.32 -14.06
C GLU B 102 2.68 6.39 -15.43
N PRO B 103 3.59 7.36 -15.69
CA PRO B 103 4.22 7.36 -17.02
C PRO B 103 4.98 6.08 -17.30
N ARG B 104 5.68 5.52 -16.30
CA ARG B 104 6.36 4.25 -16.51
C ARG B 104 5.37 3.10 -16.72
N ILE B 105 4.23 3.14 -16.02
CA ILE B 105 3.19 2.15 -16.24
C ILE B 105 2.76 2.17 -17.70
N ALA B 106 2.48 3.37 -18.25
CA ALA B 106 2.02 3.47 -19.63
C ALA B 106 3.09 2.99 -20.60
N GLU B 107 4.33 3.31 -20.30
CA GLU B 107 5.47 2.81 -21.06
C GLU B 107 5.50 1.29 -21.08
N LEU B 108 5.28 0.68 -19.91
CA LEU B 108 5.31 -0.78 -19.80
C LEU B 108 4.13 -1.41 -20.52
N VAL B 109 2.95 -0.78 -20.43
CA VAL B 109 1.79 -1.31 -21.12
C VAL B 109 2.02 -1.32 -22.63
N ALA B 110 2.55 -0.23 -23.17
CA ALA B 110 2.81 -0.20 -24.61
C ALA B 110 3.74 -1.33 -25.01
N TYR B 111 4.73 -1.64 -24.16
CA TYR B 111 5.70 -2.70 -24.41
C TYR B 111 5.07 -4.09 -24.30
N ARG B 112 4.12 -4.28 -23.38
CA ARG B 112 3.73 -5.62 -22.94
C ARG B 112 2.35 -6.07 -23.35
N ILE B 113 1.40 -5.15 -23.54
CA ILE B 113 0.00 -5.53 -23.64
C ILE B 113 -0.26 -6.39 -24.88
N THR B 114 -1.20 -7.33 -24.75
CA THR B 114 -1.60 -8.16 -25.88
C THR B 114 -2.86 -7.60 -26.53
N ASP B 115 -3.16 -8.12 -27.73
CA ASP B 115 -4.31 -7.62 -28.47
C ASP B 115 -5.62 -7.84 -27.72
N ASP B 116 -5.77 -8.97 -27.02
CA ASP B 116 -7.02 -9.18 -26.28
C ASP B 116 -7.13 -8.23 -25.08
N GLN B 117 -6.02 -7.97 -24.41
CA GLN B 117 -6.03 -6.99 -23.33
C GLN B 117 -6.30 -5.59 -23.85
N LEU B 118 -5.69 -5.25 -24.99
CA LEU B 118 -5.92 -3.93 -25.57
C LEU B 118 -7.38 -3.72 -25.94
N GLN B 119 -8.05 -4.76 -26.44
CA GLN B 119 -9.49 -4.64 -26.72
C GLN B 119 -10.28 -4.30 -25.47
N LEU B 120 -9.90 -4.89 -24.33
CA LEU B 120 -10.60 -4.57 -23.09
C LEU B 120 -10.34 -3.13 -22.68
N LEU B 121 -9.10 -2.68 -22.84
CA LEU B 121 -8.74 -1.31 -22.51
C LEU B 121 -9.52 -0.33 -23.38
N GLU B 122 -9.62 -0.62 -24.69
CA GLU B 122 -10.32 0.28 -25.59
C GLU B 122 -11.80 0.32 -25.28
N LYS B 123 -12.37 -0.81 -24.88
CA LYS B 123 -13.77 -0.82 -24.47
C LYS B 123 -14.00 0.06 -23.25
N LEU B 124 -13.07 0.04 -22.29
CA LEU B 124 -13.26 0.87 -21.12
C LEU B 124 -13.13 2.35 -21.48
N VAL B 125 -12.20 2.65 -22.40
CA VAL B 125 -12.04 4.02 -22.88
C VAL B 125 -13.31 4.52 -23.55
N GLY B 126 -13.95 3.66 -24.34
CA GLY B 126 -15.25 4.01 -24.90
C GLY B 126 -16.34 4.15 -23.84
N ASP B 127 -16.37 3.23 -22.87
CA ASP B 127 -17.36 3.33 -21.80
C ASP B 127 -17.21 4.64 -21.03
N ILE B 128 -15.98 5.13 -20.87
CA ILE B 128 -15.78 6.40 -20.17
C ILE B 128 -16.33 7.54 -21.01
N GLU B 129 -16.02 7.57 -22.31
CA GLU B 129 -16.58 8.58 -23.21
C GLU B 129 -18.10 8.60 -23.14
N ASP B 130 -18.73 7.44 -23.30
CA ASP B 130 -20.19 7.39 -23.25
C ASP B 130 -20.71 7.95 -21.94
N ALA B 131 -20.12 7.56 -20.81
CA ALA B 131 -20.61 8.03 -19.52
C ALA B 131 -20.40 9.55 -19.35
N VAL B 132 -19.25 10.07 -19.80
CA VAL B 132 -19.03 11.51 -19.74
C VAL B 132 -20.05 12.24 -20.60
N HIS B 133 -20.31 11.71 -21.80
CA HIS B 133 -21.27 12.34 -22.71
C HIS B 133 -22.68 12.27 -22.16
N ALA B 134 -23.06 11.15 -21.56
CA ALA B 134 -24.37 11.00 -20.96
C ALA B 134 -24.52 11.74 -19.64
N GLY B 135 -23.48 12.44 -19.19
CA GLY B 135 -23.54 13.07 -17.88
C GLY B 135 -23.63 12.08 -16.74
N ASP B 136 -23.29 10.81 -16.99
CA ASP B 136 -23.36 9.77 -15.97
C ASP B 136 -22.17 9.91 -15.03
N PRO B 137 -22.39 10.13 -13.73
CA PRO B 137 -21.26 10.35 -12.81
C PRO B 137 -20.43 9.10 -12.55
N LYS B 138 -20.87 7.92 -12.99
CA LYS B 138 -20.03 6.74 -12.85
C LYS B 138 -18.73 6.84 -13.65
N HIS B 139 -18.58 7.88 -14.48
CA HIS B 139 -17.35 8.01 -15.25
C HIS B 139 -16.15 8.19 -14.34
N LEU B 140 -16.35 8.78 -13.16
CA LEU B 140 -15.22 9.00 -12.25
C LEU B 140 -14.65 7.68 -11.75
N LEU B 141 -15.54 6.72 -11.42
CA LEU B 141 -15.09 5.39 -11.04
C LEU B 141 -14.55 4.60 -12.22
N LEU B 142 -15.13 4.79 -13.41
CA LEU B 142 -14.57 4.14 -14.60
C LEU B 142 -13.18 4.65 -14.88
N ASP B 143 -12.93 5.94 -14.65
CA ASP B 143 -11.59 6.49 -14.83
C ASP B 143 -10.59 5.83 -13.88
N VAL B 144 -10.99 5.64 -12.62
CA VAL B 144 -10.13 4.92 -11.69
C VAL B 144 -9.83 3.53 -12.23
N GLU B 145 -10.87 2.85 -12.74
CA GLU B 145 -10.68 1.50 -13.28
C GLU B 145 -9.75 1.49 -14.48
N PHE B 146 -9.80 2.52 -15.31
CA PHE B 146 -8.87 2.64 -16.45
C PHE B 146 -7.41 2.61 -15.96
N HIS B 147 -7.09 3.43 -14.97
CA HIS B 147 -5.71 3.45 -14.46
C HIS B 147 -5.33 2.16 -13.75
N SER B 148 -6.28 1.53 -13.04
CA SER B 148 -6.00 0.24 -12.43
C SER B 148 -5.75 -0.82 -13.50
N LEU B 150 -4.48 -0.25 -16.49
CA LEU B 150 -3.12 -0.04 -16.99
C LEU B 150 -2.08 -0.62 -16.04
N ALA B 151 -2.25 -0.39 -14.72
CA ALA B 151 -1.28 -0.92 -13.77
C ALA B 151 -1.26 -2.44 -13.80
N LYS B 152 -2.42 -3.05 -13.98
CA LYS B 152 -2.47 -4.51 -14.13
C LYS B 152 -1.67 -4.96 -15.34
N TYR B 153 -1.94 -4.36 -16.49
CA TYR B 153 -1.28 -4.76 -17.73
C TYR B 153 0.17 -4.33 -17.81
N SER B 154 0.63 -3.45 -16.92
CA SER B 154 2.05 -3.12 -16.90
C SER B 154 2.90 -4.34 -16.58
N GLY B 155 2.32 -5.36 -15.95
CA GLY B 155 3.06 -6.51 -15.54
C GLY B 155 3.93 -6.30 -14.32
N ASN B 156 3.90 -5.12 -13.71
CA ASN B 156 4.59 -4.91 -12.46
C ASN B 156 3.60 -5.23 -11.35
N ILE B 157 3.89 -6.28 -10.58
CA ILE B 157 2.94 -6.79 -9.60
C ILE B 157 2.70 -5.76 -8.51
N ALA B 158 3.76 -5.06 -8.09
CA ALA B 158 3.60 -4.05 -7.04
C ALA B 158 2.73 -2.90 -7.52
N ASP B 160 0.41 -3.03 -9.75
CA ASP B 160 -0.94 -3.56 -9.84
C ASP B 160 -1.64 -3.49 -8.49
N SER B 161 -0.91 -3.79 -7.40
CA SER B 161 -1.47 -3.69 -6.05
C SER B 161 -1.58 -2.25 -5.57
N LEU B 162 -0.63 -1.41 -5.94
CA LEU B 162 -0.49 -0.10 -5.32
C LEU B 162 -1.32 1.01 -5.98
N LEU B 163 -1.35 1.08 -7.31
N LEU B 163 -1.35 1.08 -7.31
CA LEU B 163 -2.02 2.21 -7.96
CA LEU B 163 -2.02 2.22 -7.96
C LEU B 163 -3.51 2.29 -7.66
C LEU B 163 -3.51 2.29 -7.66
N PRO B 164 -4.26 1.18 -7.58
CA PRO B 164 -5.67 1.30 -7.15
C PRO B 164 -5.82 1.98 -5.81
N VAL B 165 -4.91 1.72 -4.87
CA VAL B 165 -4.97 2.33 -3.54
C VAL B 165 -4.72 3.83 -3.64
N ILE B 166 -3.74 4.24 -4.46
CA ILE B 166 -3.45 5.67 -4.63
C ILE B 166 -4.65 6.39 -5.25
N ASN B 167 -5.14 5.87 -6.39
CA ASN B 167 -6.20 6.56 -7.12
C ASN B 167 -7.54 6.45 -6.42
N GLN B 168 -7.79 5.35 -5.70
CA GLN B 168 -9.02 5.27 -4.90
C GLN B 168 -9.02 6.33 -3.81
N SER B 169 -7.86 6.60 -3.20
N SER B 169 -7.86 6.59 -3.21
CA SER B 169 -7.81 7.58 -2.14
CA SER B 169 -7.80 7.58 -2.13
C SER B 169 -8.04 9.00 -2.67
C SER B 169 -8.04 8.99 -2.67
N ILE B 170 -7.43 9.34 -3.80
CA ILE B 170 -7.70 10.64 -4.42
C ILE B 170 -9.18 10.79 -4.73
N HIS B 171 -9.76 9.76 -5.32
CA HIS B 171 -11.17 9.81 -5.70
C HIS B 171 -12.05 10.05 -4.47
N LEU B 172 -11.79 9.32 -3.38
CA LEU B 172 -12.62 9.43 -2.17
C LEU B 172 -12.53 10.81 -1.54
N ILE B 173 -11.34 11.39 -1.49
CA ILE B 173 -11.20 12.76 -1.06
C ILE B 173 -11.72 13.68 -2.18
N SER B 184 -13.18 17.10 -20.77
CA SER B 184 -13.08 16.68 -22.16
C SER B 184 -11.62 16.64 -22.60
N ASP B 185 -10.75 17.27 -21.83
CA ASP B 185 -9.33 17.09 -22.07
C ASP B 185 -8.88 15.71 -21.63
N SER B 186 -9.51 15.15 -20.60
CA SER B 186 -9.23 13.77 -20.23
C SER B 186 -9.60 12.81 -21.33
N LEU B 187 -10.75 13.03 -21.99
CA LEU B 187 -11.13 12.19 -23.10
C LEU B 187 -10.08 12.20 -24.21
N GLU B 188 -9.58 13.39 -24.56
CA GLU B 188 -8.55 13.49 -25.58
C GLU B 188 -7.27 12.79 -25.13
N ALA B 189 -6.88 12.96 -23.87
CA ALA B 189 -5.70 12.29 -23.35
C ALA B 189 -5.84 10.77 -23.41
N HIS B 190 -7.03 10.24 -23.08
CA HIS B 190 -7.17 8.78 -23.12
C HIS B 190 -6.94 8.26 -24.53
N ARG B 191 -7.45 8.96 -25.54
CA ARG B 191 -7.24 8.55 -26.93
C ARG B 191 -5.77 8.62 -27.30
N GLU B 192 -5.07 9.66 -26.85
CA GLU B 192 -3.64 9.75 -27.14
C GLU B 192 -2.86 8.60 -26.51
N ILE B 193 -3.22 8.26 -25.27
CA ILE B 193 -2.53 7.18 -24.57
C ILE B 193 -2.79 5.86 -25.27
N ILE B 194 -4.06 5.58 -25.59
CA ILE B 194 -4.41 4.34 -26.28
C ILE B 194 -3.71 4.25 -27.62
N LYS B 195 -3.64 5.37 -28.35
CA LYS B 195 -2.98 5.37 -29.66
C LYS B 195 -1.52 4.94 -29.53
N ALA B 196 -0.81 5.54 -28.57
CA ALA B 196 0.58 5.18 -28.33
C ALA B 196 0.72 3.72 -27.98
N ILE B 197 -0.19 3.21 -27.13
CA ILE B 197 -0.15 1.80 -26.76
C ILE B 197 -0.46 0.92 -27.97
N ARG B 198 -1.45 1.31 -28.76
CA ARG B 198 -1.84 0.48 -29.91
C ARG B 198 -0.74 0.47 -30.98
N GLU B 199 0.04 1.53 -31.07
CA GLU B 199 1.20 1.59 -31.94
C GLU B 199 2.47 1.03 -31.30
N LYS B 200 2.37 0.51 -30.07
CA LYS B 200 3.49 -0.12 -29.37
C LYS B 200 4.67 0.83 -29.21
N ASN B 201 4.37 2.09 -28.85
CA ASN B 201 5.35 3.16 -28.75
C ASN B 201 5.56 3.58 -27.30
N PRO B 202 6.55 3.02 -26.60
CA PRO B 202 6.65 3.30 -25.16
C PRO B 202 6.99 4.73 -24.81
N VAL B 203 7.90 5.40 -25.54
CA VAL B 203 8.20 6.80 -25.24
C VAL B 203 6.96 7.66 -25.41
N ALA B 204 6.21 7.46 -26.50
CA ALA B 204 5.03 8.27 -26.72
C ALA B 204 3.97 8.01 -25.66
N ALA B 205 3.85 6.76 -25.22
CA ALA B 205 2.89 6.46 -24.15
C ALA B 205 3.31 7.12 -22.85
N HIS B 206 4.60 7.05 -22.54
CA HIS B 206 5.13 7.73 -21.36
C HIS B 206 4.77 9.21 -21.36
N ASP B 207 5.10 9.92 -22.47
CA ASP B 207 4.89 11.36 -22.52
C ASP B 207 3.40 11.71 -22.55
N ALA B 208 2.57 10.91 -23.23
CA ALA B 208 1.13 11.17 -23.18
C ALA B 208 0.58 11.02 -21.75
N LEU B 210 2.36 11.26 -18.90
CA LEU B 210 2.95 12.33 -18.09
C LEU B 210 2.18 13.63 -18.27
N HIS B 212 -0.88 14.07 -19.26
CA HIS B 212 -2.22 13.92 -18.72
C HIS B 212 -2.22 14.08 -17.21
N ILE B 213 -1.32 13.38 -16.52
CA ILE B 213 -1.30 13.51 -15.06
C ILE B 213 -0.98 14.94 -14.65
N SER B 215 -1.72 17.57 -16.19
CA SER B 215 -2.92 18.37 -16.45
C SER B 215 -3.98 18.12 -15.39
N VAL B 216 -4.24 16.85 -15.06
CA VAL B 216 -5.23 16.55 -14.03
C VAL B 216 -4.83 17.17 -12.70
N ARG B 217 -3.56 17.02 -12.32
CA ARG B 217 -3.09 17.59 -11.07
C ARG B 217 -3.37 19.09 -11.01
N ARG B 218 -3.15 19.79 -12.12
CA ARG B 218 -3.39 21.22 -12.18
C ARG B 218 -4.85 21.57 -11.99
N SER B 219 -5.77 20.66 -12.29
CA SER B 219 -7.20 20.92 -12.13
C SER B 219 -7.72 20.69 -10.70
#